data_1XDZ
#
_entry.id   1XDZ
#
_cell.length_a   88.496
_cell.length_b   58.164
_cell.length_c   51.207
_cell.angle_alpha   90.00
_cell.angle_beta   123.40
_cell.angle_gamma   90.00
#
_symmetry.space_group_name_H-M   'C 1 2 1'
#
loop_
_entity.id
_entity.type
_entity.pdbx_description
1 polymer 'Methyltransferase gidB'
2 water water
#
_entity_poly.entity_id   1
_entity_poly.type   'polypeptide(L)'
_entity_poly.pdbx_seq_one_letter_code
;NMNIEEFTSGLAEKGISLSPRQLEQFELYYDMLVEWNEKINLTSITEKKEVYLKHFYDSITAAFYVDFNQVNTICDVGAG
AGFPSLPIKICFPHLHVTIVDSLNKRITFLEKLSEALQLENTTFCHDRAETFGQRKDVRESYDIVTARAVARLSVLSELC
LPLVKKNGLFVALKAASAEEELNAGKKAITTLGGELENIHSFKLPIEESDRNIMVIRKIKNTPKKYPRKPGTPNKSPIEG
;
_entity_poly.pdbx_strand_id   A
#
# COMPACT_ATOMS: atom_id res chain seq x y z
N ASN A 1 5.68 -18.93 7.02
CA ASN A 1 5.33 -20.36 7.27
C ASN A 1 3.99 -20.72 6.63
N MET A 2 3.65 -20.00 5.57
CA MET A 2 2.42 -20.22 4.83
C MET A 2 2.74 -20.96 3.52
N ASN A 3 2.26 -22.19 3.38
CA ASN A 3 2.41 -22.91 2.12
C ASN A 3 1.38 -22.45 1.09
N ILE A 4 1.51 -22.90 -0.15
CA ILE A 4 0.61 -22.47 -1.22
C ILE A 4 -0.85 -22.79 -0.90
N GLU A 5 -1.13 -23.98 -0.34
CA GLU A 5 -2.51 -24.32 -0.01
C GLU A 5 -3.09 -23.44 1.09
N GLU A 6 -2.27 -23.13 2.08
CA GLU A 6 -2.74 -22.28 3.19
C GLU A 6 -3.03 -20.88 2.65
N PHE A 7 -2.15 -20.41 1.76
CA PHE A 7 -2.33 -19.13 1.07
C PHE A 7 -3.65 -19.12 0.28
N THR A 8 -3.80 -20.11 -0.59
CA THR A 8 -4.99 -20.23 -1.43
C THR A 8 -6.27 -20.39 -0.61
N SER A 9 -6.26 -21.28 0.37
CA SER A 9 -7.45 -21.52 1.18
C SER A 9 -7.77 -20.37 2.13
N GLY A 10 -6.73 -19.72 2.66
CA GLY A 10 -6.91 -18.54 3.51
C GLY A 10 -7.62 -17.43 2.77
N LEU A 11 -7.23 -17.18 1.52
CA LEU A 11 -7.86 -16.14 0.74
C LEU A 11 -9.29 -16.52 0.36
N ALA A 12 -9.48 -17.80 0.01
CA ALA A 12 -10.82 -18.32 -0.34
C ALA A 12 -11.83 -18.07 0.78
N GLU A 13 -11.41 -18.29 2.02
CA GLU A 13 -12.22 -18.05 3.23
C GLU A 13 -12.67 -16.60 3.34
N LYS A 14 -11.89 -15.69 2.76
CA LYS A 14 -12.16 -14.25 2.82
C LYS A 14 -12.80 -13.74 1.53
N GLY A 15 -13.17 -14.66 0.64
CA GLY A 15 -13.88 -14.31 -0.58
C GLY A 15 -13.02 -14.04 -1.80
N ILE A 16 -11.74 -14.41 -1.72
CA ILE A 16 -10.82 -14.22 -2.83
C ILE A 16 -10.34 -15.57 -3.36
N SER A 17 -10.85 -15.96 -4.53
CA SER A 17 -10.53 -17.24 -5.15
C SER A 17 -9.57 -17.03 -6.32
N LEU A 18 -8.34 -17.52 -6.15
CA LEU A 18 -7.30 -17.31 -7.16
C LEU A 18 -7.36 -18.31 -8.33
N SER A 19 -7.22 -17.77 -9.54
CA SER A 19 -7.14 -18.58 -10.77
C SER A 19 -5.71 -19.13 -10.91
N PRO A 20 -5.52 -20.13 -11.79
CA PRO A 20 -4.15 -20.57 -12.10
C PRO A 20 -3.23 -19.41 -12.54
N ARG A 21 -3.76 -18.44 -13.29
CA ARG A 21 -2.97 -17.28 -13.70
C ARG A 21 -2.50 -16.48 -12.48
N GLN A 22 -3.41 -16.23 -11.56
CA GLN A 22 -3.09 -15.41 -10.39
C GLN A 22 -2.02 -16.09 -9.54
N LEU A 23 -2.14 -17.40 -9.39
CA LEU A 23 -1.15 -18.20 -8.65
C LEU A 23 0.21 -18.16 -9.34
N GLU A 24 0.23 -18.27 -10.67
CA GLU A 24 1.52 -18.16 -11.35
C GLU A 24 2.12 -16.76 -11.22
N GLN A 25 1.26 -15.73 -11.20
CA GLN A 25 1.72 -14.38 -11.00
C GLN A 25 2.44 -14.25 -9.65
N PHE A 26 1.90 -14.85 -8.58
CA PHE A 26 2.60 -14.79 -7.28
C PHE A 26 3.91 -15.57 -7.27
N GLU A 27 3.99 -16.66 -8.02
CA GLU A 27 5.24 -17.42 -8.09
C GLU A 27 6.31 -16.58 -8.77
N LEU A 28 5.92 -15.90 -9.84
CA LEU A 28 6.84 -15.04 -10.57
C LEU A 28 7.27 -13.83 -9.76
N TYR A 29 6.31 -13.26 -9.04
CA TYR A 29 6.58 -12.16 -8.13
C TYR A 29 7.66 -12.59 -7.13
N TYR A 30 7.47 -13.77 -6.52
CA TYR A 30 8.45 -14.30 -5.57
C TYR A 30 9.84 -14.42 -6.21
N ASP A 31 9.89 -15.14 -7.33
CA ASP A 31 11.16 -15.31 -8.07
C ASP A 31 11.88 -13.99 -8.35
N MET A 32 11.16 -13.02 -8.92
CA MET A 32 11.76 -11.74 -9.27
C MET A 32 12.19 -10.94 -8.05
N LEU A 33 11.38 -10.97 -6.98
CA LEU A 33 11.69 -10.24 -5.77
C LEU A 33 13.01 -10.73 -5.19
N VAL A 34 13.14 -12.05 -5.02
CA VAL A 34 14.37 -12.60 -4.44
C VAL A 34 15.60 -12.41 -5.35
N GLU A 35 15.40 -12.52 -6.66
CA GLU A 35 16.51 -12.30 -7.61
C GLU A 35 17.01 -10.86 -7.56
N TRP A 36 16.09 -9.89 -7.64
CA TRP A 36 16.49 -8.50 -7.62
C TRP A 36 16.99 -8.06 -6.24
N ASN A 37 16.56 -8.77 -5.20
CA ASN A 37 17.01 -8.49 -3.84
C ASN A 37 18.49 -8.79 -3.64
N GLU A 38 19.07 -9.58 -4.55
CA GLU A 38 20.52 -9.81 -4.59
C GLU A 38 21.24 -8.54 -5.07
N LYS A 39 20.63 -7.86 -6.04
CA LYS A 39 21.15 -6.63 -6.62
C LYS A 39 20.96 -5.42 -5.69
N ILE A 40 19.74 -5.24 -5.18
CA ILE A 40 19.37 -4.09 -4.32
C ILE A 40 18.51 -4.53 -3.12
N ASN A 41 18.46 -3.69 -2.06
CA ASN A 41 17.62 -3.94 -0.87
C ASN A 41 16.15 -3.77 -1.26
N LEU A 42 15.42 -4.88 -1.26
CA LEU A 42 14.00 -4.86 -1.61
C LEU A 42 13.16 -5.50 -0.50
N THR A 43 13.73 -6.48 0.18
CA THR A 43 13.01 -7.21 1.21
C THR A 43 13.94 -7.77 2.30
N SER A 44 13.45 -7.78 3.53
CA SER A 44 14.19 -8.36 4.66
C SER A 44 13.96 -9.86 4.73
N ILE A 45 12.98 -10.33 3.96
CA ILE A 45 12.46 -11.69 4.02
C ILE A 45 12.59 -12.34 2.63
N THR A 46 13.23 -13.50 2.56
CA THR A 46 13.45 -14.16 1.27
C THR A 46 12.98 -15.60 1.20
N GLU A 47 12.70 -16.21 2.35
CA GLU A 47 12.19 -17.59 2.37
C GLU A 47 10.78 -17.57 1.79
N LYS A 48 10.51 -18.48 0.86
CA LYS A 48 9.27 -18.42 0.08
C LYS A 48 8.00 -18.34 0.93
N LYS A 49 7.87 -19.26 1.89
CA LYS A 49 6.65 -19.33 2.72
C LYS A 49 6.50 -18.07 3.59
N GLU A 50 7.64 -17.50 3.98
CA GLU A 50 7.64 -16.23 4.70
C GLU A 50 7.17 -15.07 3.84
N VAL A 51 7.64 -15.01 2.60
CA VAL A 51 7.19 -13.97 1.65
C VAL A 51 5.69 -14.07 1.33
N TYR A 52 5.20 -15.30 1.12
CA TYR A 52 3.76 -15.50 0.90
C TYR A 52 2.92 -15.01 2.05
N LEU A 53 3.37 -15.27 3.29
CA LEU A 53 2.63 -14.81 4.46
C LEU A 53 2.78 -13.29 4.68
N LYS A 54 4.03 -12.84 4.77
CA LYS A 54 4.34 -11.50 5.29
C LYS A 54 4.28 -10.38 4.27
N HIS A 55 4.34 -10.75 2.99
CA HIS A 55 4.21 -9.79 1.90
C HIS A 55 2.93 -10.01 1.12
N PHE A 56 2.72 -11.19 0.56
CA PHE A 56 1.56 -11.37 -0.30
C PHE A 56 0.27 -11.37 0.50
N TYR A 57 0.13 -12.32 1.42
CA TYR A 57 -1.10 -12.40 2.22
C TYR A 57 -1.32 -11.12 3.02
N ASP A 58 -0.28 -10.65 3.72
CA ASP A 58 -0.37 -9.40 4.49
C ASP A 58 -0.88 -8.21 3.66
N SER A 59 -0.42 -8.09 2.42
CA SER A 59 -0.88 -7.03 1.51
C SER A 59 -2.36 -7.17 1.17
N ILE A 60 -2.75 -8.40 0.87
CA ILE A 60 -4.11 -8.69 0.40
C ILE A 60 -5.13 -8.51 1.50
N THR A 61 -4.68 -8.55 2.76
CA THR A 61 -5.61 -8.29 3.90
C THR A 61 -6.40 -7.00 3.78
N ALA A 62 -5.82 -5.99 3.15
CA ALA A 62 -6.57 -4.74 2.89
C ALA A 62 -7.92 -5.04 2.25
N ALA A 63 -7.95 -6.01 1.32
CA ALA A 63 -9.15 -6.35 0.55
C ALA A 63 -10.20 -7.05 1.41
N PHE A 64 -9.80 -7.44 2.62
CA PHE A 64 -10.75 -8.06 3.55
C PHE A 64 -11.67 -7.00 4.17
N TYR A 65 -11.24 -5.75 4.14
CA TYR A 65 -11.90 -4.64 4.84
C TYR A 65 -12.40 -3.53 3.95
N VAL A 66 -11.87 -3.45 2.74
CA VAL A 66 -12.31 -2.49 1.75
C VAL A 66 -12.64 -3.27 0.48
N ASP A 67 -13.73 -2.89 -0.19
CA ASP A 67 -14.19 -3.59 -1.38
C ASP A 67 -13.56 -2.96 -2.63
N PHE A 68 -12.54 -3.64 -3.17
CA PHE A 68 -11.82 -3.14 -4.33
C PHE A 68 -12.60 -3.30 -5.63
N ASN A 69 -13.69 -4.08 -5.59
CA ASN A 69 -14.55 -4.19 -6.77
C ASN A 69 -15.30 -2.89 -7.05
N GLN A 70 -15.44 -2.05 -6.02
CA GLN A 70 -16.21 -0.80 -6.10
C GLN A 70 -15.35 0.38 -6.51
N VAL A 71 -14.05 0.17 -6.68
CA VAL A 71 -13.19 1.28 -7.08
C VAL A 71 -12.39 0.97 -8.34
N ASN A 72 -11.76 2.01 -8.88
CA ASN A 72 -11.04 1.88 -10.12
C ASN A 72 -9.58 2.25 -10.06
N THR A 73 -9.23 3.25 -9.25
CA THR A 73 -7.86 3.78 -9.21
C THR A 73 -7.24 3.72 -7.82
N ILE A 74 -5.98 3.25 -7.77
CA ILE A 74 -5.21 3.13 -6.52
C ILE A 74 -3.87 3.81 -6.70
N CYS A 75 -3.42 4.50 -5.65
CA CYS A 75 -2.06 4.99 -5.62
C CYS A 75 -1.40 4.43 -4.37
N ASP A 76 -0.20 3.93 -4.54
CA ASP A 76 0.51 3.28 -3.42
C ASP A 76 1.74 4.13 -3.13
N VAL A 77 1.85 4.60 -1.90
CA VAL A 77 3.07 5.34 -1.50
C VAL A 77 3.91 4.29 -0.78
N GLY A 78 4.75 3.59 -1.55
CA GLY A 78 5.35 2.33 -1.08
C GLY A 78 6.78 2.28 -0.60
N ALA A 79 7.24 1.07 -0.25
CA ALA A 79 8.63 0.81 0.14
C ALA A 79 9.46 0.30 -1.06
N GLY A 80 8.86 0.32 -2.25
CA GLY A 80 9.59 0.02 -3.50
C GLY A 80 9.50 -1.41 -4.03
N ALA A 81 8.85 -2.30 -3.29
CA ALA A 81 8.75 -3.71 -3.66
C ALA A 81 7.32 -4.08 -4.07
N GLY A 82 6.46 -3.06 -4.13
CA GLY A 82 5.10 -3.20 -4.67
C GLY A 82 4.03 -3.57 -3.66
N PHE A 83 4.37 -3.54 -2.37
CA PHE A 83 3.40 -3.94 -1.33
C PHE A 83 2.75 -2.72 -0.72
N PRO A 84 1.39 -2.73 -0.59
CA PRO A 84 0.48 -3.83 -0.85
C PRO A 84 -0.25 -3.82 -2.20
N SER A 85 -0.03 -2.79 -3.01
CA SER A 85 -0.88 -2.60 -4.19
C SER A 85 -0.73 -3.66 -5.26
N LEU A 86 0.47 -4.22 -5.41
CA LEU A 86 0.62 -5.22 -6.50
C LEU A 86 -0.06 -6.57 -6.20
N PRO A 87 0.11 -7.13 -4.99
CA PRO A 87 -0.72 -8.28 -4.64
C PRO A 87 -2.24 -7.97 -4.79
N ILE A 88 -2.67 -6.77 -4.40
CA ILE A 88 -4.08 -6.40 -4.55
C ILE A 88 -4.46 -6.36 -6.04
N LYS A 89 -3.59 -5.76 -6.84
CA LYS A 89 -3.80 -5.68 -8.30
C LYS A 89 -3.90 -7.07 -8.93
N ILE A 90 -3.08 -8.01 -8.46
CA ILE A 90 -3.16 -9.41 -8.97
C ILE A 90 -4.54 -10.01 -8.67
N CYS A 91 -5.05 -9.75 -7.47
CA CYS A 91 -6.36 -10.21 -7.03
C CYS A 91 -7.53 -9.47 -7.69
N PHE A 92 -7.30 -8.20 -8.04
CA PHE A 92 -8.34 -7.32 -8.59
C PHE A 92 -7.79 -6.65 -9.85
N PRO A 93 -7.63 -7.44 -10.92
CA PRO A 93 -6.93 -6.93 -12.10
C PRO A 93 -7.62 -5.78 -12.87
N HIS A 94 -8.87 -5.45 -12.55
CA HIS A 94 -9.50 -4.23 -13.11
C HIS A 94 -8.82 -2.91 -12.65
N LEU A 95 -8.10 -2.98 -11.55
CA LEU A 95 -7.59 -1.76 -10.94
C LEU A 95 -6.53 -1.08 -11.78
N HIS A 96 -6.57 0.26 -11.80
CA HIS A 96 -5.48 1.08 -12.35
C HIS A 96 -4.60 1.43 -11.17
N VAL A 97 -3.36 0.98 -11.20
CA VAL A 97 -2.46 1.17 -10.05
C VAL A 97 -1.28 2.07 -10.37
N THR A 98 -1.04 3.06 -9.52
CA THR A 98 0.12 3.92 -9.58
C THR A 98 0.91 3.68 -8.31
N ILE A 99 2.22 3.51 -8.44
CA ILE A 99 3.10 3.47 -7.28
C ILE A 99 4.11 4.59 -7.44
N VAL A 100 4.24 5.41 -6.39
CA VAL A 100 5.29 6.44 -6.32
C VAL A 100 6.42 5.95 -5.39
N ASP A 101 7.67 6.10 -5.83
CA ASP A 101 8.82 5.71 -5.01
C ASP A 101 10.00 6.64 -5.27
N SER A 102 10.79 6.92 -4.23
CA SER A 102 11.90 7.88 -4.32
C SER A 102 13.21 7.31 -4.88
N LEU A 103 13.30 5.99 -5.04
CA LEU A 103 14.52 5.38 -5.57
C LEU A 103 14.29 4.81 -6.96
N ASN A 104 14.99 5.38 -7.95
CA ASN A 104 14.80 4.94 -9.32
C ASN A 104 15.14 3.47 -9.56
N LYS A 105 16.08 2.94 -8.78
CA LYS A 105 16.43 1.52 -8.87
C LYS A 105 15.23 0.64 -8.51
N ARG A 106 14.44 1.09 -7.54
CA ARG A 106 13.22 0.36 -7.18
C ARG A 106 12.12 0.52 -8.24
N ILE A 107 12.01 1.71 -8.80
CA ILE A 107 11.10 1.93 -9.94
C ILE A 107 11.44 0.98 -11.09
N THR A 108 12.73 0.82 -11.37
CA THR A 108 13.16 -0.14 -12.40
C THR A 108 12.70 -1.57 -12.11
N PHE A 109 12.88 -2.05 -10.87
CA PHE A 109 12.36 -3.34 -10.46
C PHE A 109 10.85 -3.44 -10.73
N LEU A 110 10.09 -2.45 -10.27
CA LEU A 110 8.63 -2.47 -10.43
C LEU A 110 8.20 -2.54 -11.91
N GLU A 111 8.86 -1.75 -12.75
CA GLU A 111 8.59 -1.81 -14.19
C GLU A 111 8.82 -3.21 -14.78
N LYS A 112 9.94 -3.83 -14.44
CA LYS A 112 10.28 -5.18 -14.95
C LYS A 112 9.31 -6.22 -14.39
N LEU A 113 8.99 -6.06 -13.12
CA LEU A 113 8.03 -6.95 -12.46
C LEU A 113 6.67 -6.89 -13.13
N SER A 114 6.18 -5.67 -13.36
CA SER A 114 4.88 -5.48 -14.00
C SER A 114 4.84 -6.10 -15.40
N GLU A 115 5.94 -5.95 -16.14
CA GLU A 115 6.04 -6.51 -17.49
C GLU A 115 5.99 -8.04 -17.45
N ALA A 116 6.76 -8.64 -16.55
CA ALA A 116 6.82 -10.10 -16.39
C ALA A 116 5.46 -10.65 -16.00
N LEU A 117 4.77 -9.92 -15.12
CA LEU A 117 3.46 -10.34 -14.62
C LEU A 117 2.33 -10.07 -15.62
N GLN A 118 2.66 -9.34 -16.68
CA GLN A 118 1.71 -8.95 -17.71
C GLN A 118 0.56 -8.12 -17.16
N LEU A 119 0.90 -7.20 -16.26
CA LEU A 119 -0.10 -6.31 -15.70
C LEU A 119 -0.45 -5.17 -16.66
N GLU A 120 -1.74 -4.86 -16.73
CA GLU A 120 -2.22 -3.71 -17.50
C GLU A 120 -2.53 -2.57 -16.54
N ASN A 121 -2.44 -1.34 -17.05
CA ASN A 121 -2.83 -0.15 -16.31
C ASN A 121 -2.05 0.06 -15.01
N THR A 122 -0.73 -0.14 -15.09
CA THR A 122 0.15 0.20 -13.96
C THR A 122 1.04 1.39 -14.37
N THR A 123 1.21 2.32 -13.44
CA THR A 123 2.05 3.49 -13.66
C THR A 123 3.04 3.56 -12.52
N PHE A 124 4.33 3.71 -12.85
CA PHE A 124 5.34 3.85 -11.81
C PHE A 124 6.04 5.18 -11.96
N CYS A 125 6.09 5.92 -10.85
CA CYS A 125 6.58 7.29 -10.85
C CYS A 125 7.74 7.45 -9.89
N HIS A 126 8.92 7.78 -10.43
CA HIS A 126 10.07 8.10 -9.60
C HIS A 126 9.91 9.53 -9.08
N ASP A 127 9.71 9.66 -7.77
CA ASP A 127 9.33 10.94 -7.19
C ASP A 127 9.33 10.82 -5.68
N ARG A 128 9.62 11.92 -5.00
CA ARG A 128 9.34 12.03 -3.58
C ARG A 128 7.83 12.21 -3.41
N ALA A 129 7.23 11.56 -2.41
CA ALA A 129 5.79 11.67 -2.21
C ALA A 129 5.33 13.12 -1.98
N GLU A 130 6.18 13.92 -1.35
CA GLU A 130 5.90 15.34 -1.11
C GLU A 130 5.80 16.11 -2.41
N THR A 131 6.65 15.75 -3.38
CA THR A 131 6.63 16.37 -4.70
C THR A 131 5.41 15.87 -5.48
N PHE A 132 5.21 14.55 -5.47
CA PHE A 132 4.10 13.91 -6.19
C PHE A 132 2.75 14.53 -5.81
N GLY A 133 2.50 14.72 -4.51
CA GLY A 133 1.20 15.20 -4.02
C GLY A 133 0.87 16.66 -4.30
N GLN A 134 1.88 17.42 -4.72
CA GLN A 134 1.64 18.81 -5.13
C GLN A 134 1.34 18.94 -6.63
N ARG A 135 1.61 17.87 -7.38
CA ARG A 135 1.42 17.89 -8.84
C ARG A 135 -0.06 17.98 -9.19
N LYS A 136 -0.40 18.97 -10.00
CA LYS A 136 -1.78 19.25 -10.40
C LYS A 136 -2.49 18.06 -11.06
N ASP A 137 -1.72 17.26 -11.79
CA ASP A 137 -2.26 16.10 -12.51
C ASP A 137 -2.76 14.99 -11.58
N VAL A 138 -2.06 14.78 -10.45
CA VAL A 138 -2.36 13.64 -9.57
C VAL A 138 -2.96 13.97 -8.21
N ARG A 139 -2.85 15.23 -7.78
CA ARG A 139 -3.40 15.66 -6.50
C ARG A 139 -4.90 15.34 -6.43
N GLU A 140 -5.29 14.70 -5.32
CA GLU A 140 -6.69 14.35 -5.04
C GLU A 140 -7.40 13.65 -6.21
N SER A 141 -6.66 12.75 -6.85
CA SER A 141 -7.16 12.08 -8.06
C SER A 141 -7.43 10.57 -7.95
N TYR A 142 -7.12 9.97 -6.79
CA TYR A 142 -7.24 8.51 -6.64
C TYR A 142 -8.40 8.06 -5.75
N ASP A 143 -9.07 6.97 -6.12
CA ASP A 143 -10.16 6.41 -5.32
C ASP A 143 -9.64 5.92 -3.97
N ILE A 144 -8.47 5.28 -3.99
CA ILE A 144 -7.91 4.73 -2.77
C ILE A 144 -6.42 4.98 -2.82
N VAL A 145 -5.87 5.45 -1.71
CA VAL A 145 -4.42 5.59 -1.58
C VAL A 145 -4.02 4.63 -0.46
N THR A 146 -3.09 3.73 -0.77
CA THR A 146 -2.68 2.73 0.23
C THR A 146 -1.25 3.03 0.66
N ALA A 147 -0.92 2.59 1.86
CA ALA A 147 0.45 2.63 2.29
C ALA A 147 0.65 1.59 3.36
N ARG A 148 1.61 0.70 3.16
CA ARG A 148 2.04 -0.20 4.21
C ARG A 148 3.42 0.30 4.59
N ALA A 149 3.49 0.92 5.75
CA ALA A 149 4.70 1.64 6.14
C ALA A 149 4.89 1.66 7.64
N VAL A 150 6.14 1.81 8.03
CA VAL A 150 6.52 1.98 9.43
C VAL A 150 6.30 3.44 9.86
N ALA A 151 6.23 4.33 8.87
CA ALA A 151 6.13 5.77 9.07
C ALA A 151 5.08 6.15 10.10
N ARG A 152 5.44 7.11 10.95
CA ARG A 152 4.52 7.67 11.91
C ARG A 152 3.25 8.10 11.18
N LEU A 153 2.11 7.75 11.76
CA LEU A 153 0.80 8.07 11.14
C LEU A 153 0.63 9.53 10.70
N SER A 154 1.15 10.48 11.49
CA SER A 154 1.04 11.89 11.14
C SER A 154 1.82 12.21 9.86
N VAL A 155 2.99 11.59 9.72
CA VAL A 155 3.81 11.76 8.52
C VAL A 155 3.14 11.06 7.33
N LEU A 156 2.73 9.82 7.54
CA LEU A 156 2.12 9.02 6.47
C LEU A 156 0.86 9.70 5.93
N SER A 157 0.07 10.27 6.84
CA SER A 157 -1.15 10.98 6.45
C SER A 157 -0.86 12.19 5.54
N GLU A 158 0.20 12.94 5.86
CA GLU A 158 0.56 14.11 5.05
C GLU A 158 0.96 13.70 3.64
N LEU A 159 1.62 12.55 3.51
CA LEU A 159 2.04 12.04 2.22
C LEU A 159 0.86 11.47 1.43
N CYS A 160 -0.11 10.86 2.13
CA CYS A 160 -1.15 10.08 1.45
C CYS A 160 -2.47 10.81 1.21
N LEU A 161 -3.00 11.47 2.24
CA LEU A 161 -4.29 12.15 2.10
C LEU A 161 -4.41 13.17 0.95
N PRO A 162 -3.35 13.95 0.65
CA PRO A 162 -3.47 14.88 -0.50
C PRO A 162 -3.66 14.22 -1.86
N LEU A 163 -3.44 12.91 -1.95
CA LEU A 163 -3.65 12.19 -3.21
C LEU A 163 -5.05 11.55 -3.32
N VAL A 164 -5.80 11.52 -2.23
CA VAL A 164 -7.11 10.88 -2.22
C VAL A 164 -8.18 11.83 -2.76
N LYS A 165 -9.00 11.35 -3.69
CA LYS A 165 -10.10 12.17 -4.18
C LYS A 165 -11.12 12.38 -3.06
N LYS A 166 -11.90 13.46 -3.14
CA LYS A 166 -12.95 13.67 -2.18
C LYS A 166 -13.86 12.45 -2.15
N ASN A 167 -14.15 11.98 -0.94
CA ASN A 167 -15.00 10.82 -0.66
C ASN A 167 -14.30 9.48 -0.92
N GLY A 168 -13.03 9.53 -1.31
CA GLY A 168 -12.22 8.31 -1.45
C GLY A 168 -11.65 7.87 -0.10
N LEU A 169 -10.74 6.91 -0.13
CA LEU A 169 -10.17 6.33 1.10
C LEU A 169 -8.66 6.36 1.10
N PHE A 170 -8.11 6.60 2.29
CA PHE A 170 -6.71 6.36 2.59
C PHE A 170 -6.70 5.12 3.49
N VAL A 171 -5.95 4.10 3.07
CA VAL A 171 -5.90 2.83 3.80
C VAL A 171 -4.46 2.59 4.22
N ALA A 172 -4.23 2.56 5.53
CA ALA A 172 -2.89 2.42 6.08
C ALA A 172 -2.77 1.04 6.70
N LEU A 173 -1.78 0.26 6.25
CA LEU A 173 -1.52 -1.05 6.84
C LEU A 173 -0.38 -0.89 7.82
N LYS A 174 -0.66 -1.14 9.10
CA LYS A 174 0.33 -0.94 10.16
C LYS A 174 0.43 -2.18 11.06
N ALA A 175 1.42 -2.20 11.95
CA ALA A 175 1.56 -3.33 12.87
C ALA A 175 1.15 -3.00 14.32
N ALA A 176 0.65 -1.79 14.56
CA ALA A 176 0.23 -1.38 15.93
C ALA A 176 -0.34 0.02 16.03
N ALA A 178 1.65 3.54 19.16
CA ALA A 178 0.57 3.12 20.05
C ALA A 178 -0.50 4.20 20.19
N GLU A 179 -1.01 4.37 21.42
CA GLU A 179 -2.02 5.37 21.75
C GLU A 179 -1.55 6.81 21.46
N GLU A 180 -0.26 7.06 21.65
CA GLU A 180 0.34 8.38 21.44
C GLU A 180 0.44 8.83 19.98
N GLU A 181 0.89 7.92 19.10
CA GLU A 181 1.04 8.21 17.68
C GLU A 181 -0.29 8.21 16.95
N LEU A 182 -1.24 7.42 17.48
CA LEU A 182 -2.60 7.41 16.96
C LEU A 182 -3.24 8.76 17.22
N ASN A 183 -3.07 9.25 18.45
CA ASN A 183 -3.60 10.55 18.88
C ASN A 183 -3.07 11.71 18.03
N ALA A 184 -1.76 11.72 17.77
CA ALA A 184 -1.16 12.71 16.88
C ALA A 184 -1.67 12.50 15.45
N GLY A 185 -1.80 11.23 15.07
CA GLY A 185 -2.30 10.85 13.76
C GLY A 185 -3.71 11.37 13.51
N LYS A 186 -4.59 11.15 14.48
CA LYS A 186 -5.97 11.63 14.41
C LYS A 186 -6.08 13.12 14.13
N LYS A 187 -5.22 13.91 14.76
CA LYS A 187 -5.24 15.35 14.58
C LYS A 187 -4.74 15.74 13.19
N ALA A 188 -3.68 15.09 12.73
CA ALA A 188 -3.15 15.34 11.39
C ALA A 188 -4.19 14.98 10.34
N ILE A 189 -4.85 13.84 10.54
CA ILE A 189 -5.90 13.36 9.62
C ILE A 189 -6.98 14.41 9.42
N THR A 190 -7.48 14.98 10.52
CA THR A 190 -8.50 16.03 10.50
C THR A 190 -7.99 17.25 9.73
N THR A 191 -6.78 17.68 10.04
CA THR A 191 -6.17 18.84 9.36
C THR A 191 -6.06 18.64 7.85
N LEU A 192 -5.76 17.41 7.46
CA LEU A 192 -5.53 17.06 6.07
C LEU A 192 -6.80 16.75 5.28
N GLY A 193 -7.96 16.86 5.92
CA GLY A 193 -9.25 16.67 5.26
C GLY A 193 -9.84 15.27 5.35
N GLY A 194 -9.28 14.45 6.25
CA GLY A 194 -9.76 13.08 6.44
C GLY A 194 -10.60 12.87 7.69
N GLU A 195 -11.22 11.69 7.76
CA GLU A 195 -11.95 11.28 8.95
C GLU A 195 -11.72 9.80 9.13
N LEU A 196 -11.23 9.41 10.30
CA LEU A 196 -10.98 8.00 10.57
C LEU A 196 -12.31 7.25 10.66
N GLU A 197 -12.50 6.25 9.81
CA GLU A 197 -13.74 5.46 9.83
C GLU A 197 -13.63 4.23 10.72
N ASN A 198 -12.52 3.51 10.59
CA ASN A 198 -12.33 2.24 11.29
C ASN A 198 -10.87 1.95 11.50
N ILE A 199 -10.57 1.29 12.61
CA ILE A 199 -9.30 0.60 12.77
C ILE A 199 -9.65 -0.85 12.97
N HIS A 200 -9.13 -1.71 12.10
CA HIS A 200 -9.39 -3.14 12.18
C HIS A 200 -8.14 -3.78 12.76
N SER A 201 -8.30 -4.48 13.88
CA SER A 201 -7.18 -5.12 14.57
C SER A 201 -7.34 -6.61 14.49
N PHE A 202 -6.28 -7.29 14.10
CA PHE A 202 -6.33 -8.72 13.90
C PHE A 202 -4.90 -9.25 13.98
N LYS A 203 -4.74 -10.56 13.86
CA LYS A 203 -3.42 -11.18 13.85
C LYS A 203 -3.14 -11.82 12.51
N LEU A 204 -1.88 -11.78 12.10
CA LEU A 204 -1.47 -12.50 10.90
C LEU A 204 -1.53 -13.99 11.23
N PRO A 205 -2.12 -14.79 10.32
CA PRO A 205 -2.19 -16.23 10.53
C PRO A 205 -0.81 -16.83 10.75
N ILE A 206 -0.77 -17.98 11.43
CA ILE A 206 0.46 -18.73 11.70
C ILE A 206 1.41 -18.02 12.69
N GLU A 207 1.95 -16.87 12.28
CA GLU A 207 2.85 -16.11 13.13
C GLU A 207 2.11 -15.49 14.32
N GLU A 208 0.85 -15.13 14.10
CA GLU A 208 -0.04 -14.54 15.13
C GLU A 208 0.38 -13.15 15.59
N SER A 209 1.16 -12.46 14.76
CA SER A 209 1.60 -11.10 15.07
C SER A 209 0.49 -10.09 14.81
N ASP A 210 0.44 -9.07 15.64
CA ASP A 210 -0.62 -8.06 15.54
C ASP A 210 -0.52 -7.21 14.28
N ARG A 211 -1.68 -6.90 13.73
CA ARG A 211 -1.78 -6.05 12.57
C ARG A 211 -2.93 -5.08 12.83
N ASN A 212 -2.81 -3.88 12.28
CA ASN A 212 -3.91 -2.90 12.28
C ASN A 212 -4.05 -2.31 10.89
N ILE A 213 -5.29 -2.19 10.43
CA ILE A 213 -5.55 -1.49 9.19
C ILE A 213 -6.49 -0.34 9.50
N MET A 214 -6.07 0.85 9.11
CA MET A 214 -6.79 2.09 9.38
C MET A 214 -7.44 2.52 8.06
N VAL A 215 -8.74 2.80 8.12
CA VAL A 215 -9.48 3.24 6.93
C VAL A 215 -9.97 4.65 7.21
N ILE A 216 -9.52 5.57 6.38
CA ILE A 216 -9.79 7.00 6.58
C ILE A 216 -10.53 7.49 5.33
N ARG A 217 -11.63 8.19 5.55
CA ARG A 217 -12.42 8.75 4.47
C ARG A 217 -11.95 10.17 4.19
N LYS A 218 -11.86 10.52 2.92
CA LYS A 218 -11.50 11.89 2.53
C LYS A 218 -12.79 12.71 2.52
N ILE A 219 -13.03 13.45 3.60
CA ILE A 219 -14.31 14.20 3.75
C ILE A 219 -14.29 15.65 3.26
N LYS A 220 -13.10 16.23 3.12
CA LYS A 220 -12.96 17.57 2.55
C LYS A 220 -11.61 17.71 1.88
N ASN A 221 -11.42 18.78 1.11
CA ASN A 221 -10.16 18.99 0.40
C ASN A 221 -8.99 19.30 1.35
N THR A 222 -7.81 18.82 0.95
CA THR A 222 -6.59 19.04 1.71
C THR A 222 -6.14 20.48 1.49
N PRO A 223 -5.77 21.20 2.58
CA PRO A 223 -5.19 22.54 2.39
C PRO A 223 -3.99 22.54 1.44
N LYS A 224 -3.86 23.61 0.65
CA LYS A 224 -2.84 23.71 -0.41
C LYS A 224 -1.40 23.58 0.09
N LYS A 225 -1.16 23.97 1.34
CA LYS A 225 0.19 23.89 1.91
C LYS A 225 0.70 22.46 2.11
N TYR A 226 -0.21 21.47 2.06
CA TYR A 226 0.15 20.06 2.30
C TYR A 226 0.03 19.26 1.00
N PRO A 227 1.03 18.39 0.71
CA PRO A 227 2.18 18.09 1.58
C PRO A 227 3.26 19.17 1.48
N ARG A 228 3.95 19.40 2.58
CA ARG A 228 5.05 20.38 2.60
C ARG A 228 6.27 19.82 1.84
N LYS A 229 7.30 20.63 1.67
CA LYS A 229 8.46 20.25 0.85
C LYS A 229 9.14 18.96 1.31
N PRO A 230 9.69 18.17 0.36
CA PRO A 230 10.36 16.90 0.63
C PRO A 230 11.29 16.92 1.85
N GLY A 231 10.90 16.20 2.90
CA GLY A 231 11.69 16.15 4.13
C GLY A 231 11.09 16.94 5.27
N THR A 232 10.29 17.94 4.94
CA THR A 232 9.60 18.75 5.96
C THR A 232 8.62 17.94 6.83
N PRO A 233 7.76 17.08 6.23
CA PRO A 233 6.86 16.26 7.07
C PRO A 233 7.59 15.40 8.09
N ASN A 234 8.76 14.89 7.72
CA ASN A 234 9.58 14.04 8.59
C ASN A 234 10.28 14.82 9.69
N LYS A 235 10.72 16.04 9.35
CA LYS A 235 11.41 16.92 10.29
C LYS A 235 10.43 17.55 11.28
N SER A 236 9.29 18.00 10.78
CA SER A 236 8.27 18.65 11.60
C SER A 236 6.88 18.10 11.27
N PRO A 237 6.56 16.88 11.75
CA PRO A 237 5.25 16.30 11.46
C PRO A 237 4.13 17.20 11.96
N ILE A 238 3.03 17.26 11.21
CA ILE A 238 1.87 18.09 11.55
C ILE A 238 1.55 18.03 13.04
N GLU A 239 1.48 16.81 13.57
CA GLU A 239 1.21 16.62 14.99
C GLU A 239 2.29 15.77 15.64
#